data_1BTC
#
_entry.id   1BTC
#
_cell.length_a   86.100
_cell.length_b   86.100
_cell.length_c   144.300
_cell.angle_alpha   90.00
_cell.angle_beta   90.00
_cell.angle_gamma   120.00
#
_symmetry.space_group_name_H-M   'P 31 2 1'
#
loop_
_entity.id
_entity.type
_entity.pdbx_description
1 polymer BETA-AMYLASE
2 branched Cyclohexakis-(1-4)-(alpha-D-glucopyranose)
3 non-polymer 'SULFATE ION'
4 non-polymer BETA-MERCAPTOETHANOL
5 water water
#
_entity_poly.entity_id   1
_entity_poly.type   'polypeptide(L)'
_entity_poly.pdbx_seq_one_letter_code
;SNMLLNYVPVYVMLPLGVVNVDNVFEDPDGLKEQLLQLRAAGVDGVMVDVWWGIIELKGPKQYDWRAYRSLFQLVQECGL
TLQAIMSFHQCGGNVGDIVNIPIPQWVLDIGESNHDIFYTNRSGTRNKEYLTVGVDNEPIFHGRTAIEIYSDYMKSFREN
MSDFLESGLIIDIEVGLGPAGELRYPSYPQSQGWEFPRIGEFQCYDKYLKADFKAAVARAGHPEWELPDDAGKYNDVPES
TGFFKSNGTYVTEKGKFFLTWYSNKLLNHGDQILDEANKAFLGCKVKLAIKVSGIHWWYKVENHAAELTAGYYNLNDRDG
YRPIARMLSRHHAILNFTCLEMRDSEQPSDAKSGPQELVQQVLSGGWREDIRVAGENALPRYDATAYNQIILNAKPQGVN
NNGPPKLSMFGVTYLRLSDDLLQKSNFNIFKKFVLKMHADQDYCANPQKYNHAITPLKPSAPKIPIEVLLEATKPTLPFP
WLPETDMKVDG
;
_entity_poly.pdbx_strand_id   A
#
loop_
_chem_comp.id
_chem_comp.type
_chem_comp.name
_chem_comp.formula
BME non-polymer BETA-MERCAPTOETHANOL 'C2 H6 O S'
GLC D-saccharide, alpha linking alpha-D-glucopyranose 'C6 H12 O6'
SO4 non-polymer 'SULFATE ION' 'O4 S -2'
#
# COMPACT_ATOMS: atom_id res chain seq x y z
N SER A 1 1.99 27.02 -18.91
CA SER A 1 0.55 27.12 -18.61
C SER A 1 -0.44 26.38 -19.52
N ASN A 2 -1.47 25.75 -18.89
CA ASN A 2 -2.44 24.91 -19.59
C ASN A 2 -3.20 24.18 -18.51
N MET A 3 -4.48 23.93 -18.84
CA MET A 3 -5.32 23.14 -17.97
C MET A 3 -4.75 21.73 -17.91
N LEU A 4 -3.94 21.35 -18.91
CA LEU A 4 -3.34 20.04 -18.96
C LEU A 4 -2.30 19.87 -17.84
N LEU A 5 -1.64 20.93 -17.33
CA LEU A 5 -0.76 20.82 -16.16
C LEU A 5 -1.48 20.37 -14.91
N ASN A 6 -2.82 20.47 -14.96
CA ASN A 6 -3.74 20.01 -13.91
C ASN A 6 -4.12 18.53 -13.98
N TYR A 7 -3.75 17.82 -15.05
CA TYR A 7 -4.12 16.44 -15.29
C TYR A 7 -3.54 15.50 -14.24
N VAL A 8 -4.41 14.65 -13.68
CA VAL A 8 -4.00 13.61 -12.77
C VAL A 8 -4.46 12.33 -13.44
N PRO A 9 -3.57 11.39 -13.70
CA PRO A 9 -3.94 10.17 -14.36
C PRO A 9 -4.76 9.19 -13.53
N VAL A 10 -5.62 8.43 -14.23
CA VAL A 10 -6.46 7.39 -13.63
C VAL A 10 -6.09 6.00 -14.16
N TYR A 11 -5.93 5.07 -13.23
CA TYR A 11 -5.58 3.69 -13.51
C TYR A 11 -6.66 2.77 -12.95
N VAL A 12 -6.79 1.53 -13.44
CA VAL A 12 -7.85 0.65 -13.01
C VAL A 12 -7.23 -0.68 -12.66
N MET A 13 -7.56 -1.18 -11.46
CA MET A 13 -7.09 -2.49 -11.07
C MET A 13 -7.84 -3.52 -11.89
N LEU A 14 -7.04 -4.48 -12.35
CA LEU A 14 -7.53 -5.64 -13.07
C LEU A 14 -8.24 -6.65 -12.16
N PRO A 15 -9.15 -7.53 -12.61
CA PRO A 15 -9.73 -8.59 -11.81
C PRO A 15 -8.69 -9.39 -11.07
N LEU A 16 -9.00 -9.74 -9.81
CA LEU A 16 -8.17 -10.68 -9.05
C LEU A 16 -8.09 -12.00 -9.79
N GLY A 17 -6.95 -12.64 -9.75
CA GLY A 17 -6.79 -13.89 -10.46
C GLY A 17 -6.84 -13.85 -11.99
N VAL A 18 -6.65 -12.70 -12.72
CA VAL A 18 -6.64 -12.67 -14.19
C VAL A 18 -5.66 -13.70 -14.74
N VAL A 19 -4.47 -13.95 -14.13
CA VAL A 19 -3.81 -15.23 -14.40
C VAL A 19 -3.93 -15.94 -13.04
N ASN A 20 -4.23 -17.23 -13.12
CA ASN A 20 -4.58 -18.00 -11.97
C ASN A 20 -3.42 -18.70 -11.34
N VAL A 21 -3.77 -19.49 -10.30
CA VAL A 21 -2.83 -20.21 -9.42
C VAL A 21 -1.98 -21.20 -10.14
N ASP A 22 -2.54 -21.66 -11.26
CA ASP A 22 -1.84 -22.59 -12.12
C ASP A 22 -0.96 -21.90 -13.13
N ASN A 23 -0.80 -20.57 -13.02
CA ASN A 23 -0.04 -19.73 -13.94
C ASN A 23 -0.57 -19.76 -15.39
N VAL A 24 -1.89 -19.65 -15.52
CA VAL A 24 -2.53 -19.65 -16.82
C VAL A 24 -3.30 -18.36 -16.98
N PHE A 25 -3.11 -17.61 -18.08
CA PHE A 25 -3.91 -16.42 -18.33
C PHE A 25 -5.20 -16.89 -19.04
N GLU A 26 -6.21 -17.15 -18.20
CA GLU A 26 -7.45 -17.83 -18.62
C GLU A 26 -8.32 -17.36 -19.76
N ASP A 27 -8.43 -16.05 -19.90
CA ASP A 27 -9.38 -15.56 -20.85
C ASP A 27 -8.93 -14.25 -21.39
N PRO A 28 -7.98 -14.31 -22.33
CA PRO A 28 -7.51 -13.13 -23.05
C PRO A 28 -8.62 -12.39 -23.79
N ASP A 29 -9.60 -13.12 -24.27
CA ASP A 29 -10.64 -12.52 -25.10
C ASP A 29 -11.58 -11.65 -24.31
N GLY A 30 -11.94 -12.15 -23.13
CA GLY A 30 -12.85 -11.45 -22.24
C GLY A 30 -12.18 -10.21 -21.69
N LEU A 31 -10.96 -10.36 -21.17
CA LEU A 31 -10.18 -9.23 -20.68
C LEU A 31 -10.03 -8.19 -21.77
N LYS A 32 -9.69 -8.66 -22.97
CA LYS A 32 -9.54 -7.81 -24.13
C LYS A 32 -10.73 -6.90 -24.35
N GLU A 33 -11.96 -7.40 -24.36
CA GLU A 33 -13.13 -6.56 -24.52
C GLU A 33 -13.26 -5.48 -23.46
N GLN A 34 -12.92 -5.90 -22.23
CA GLN A 34 -13.00 -4.99 -21.09
C GLN A 34 -11.97 -3.87 -21.12
N LEU A 35 -10.76 -4.24 -21.54
CA LEU A 35 -9.62 -3.36 -21.64
C LEU A 35 -9.82 -2.32 -22.73
N LEU A 36 -10.50 -2.71 -23.83
CA LEU A 36 -10.84 -1.79 -24.92
C LEU A 36 -11.94 -0.80 -24.54
N GLN A 37 -12.86 -1.26 -23.65
CA GLN A 37 -13.87 -0.41 -23.00
C GLN A 37 -13.19 0.70 -22.17
N LEU A 38 -12.17 0.31 -21.40
CA LEU A 38 -11.39 1.18 -20.54
C LEU A 38 -10.61 2.20 -21.34
N ARG A 39 -9.99 1.77 -22.45
CA ARG A 39 -9.27 2.64 -23.39
C ARG A 39 -10.21 3.67 -24.03
N ALA A 40 -11.46 3.31 -24.36
CA ALA A 40 -12.41 4.25 -24.95
C ALA A 40 -12.89 5.33 -23.97
N ALA A 41 -12.94 4.96 -22.68
CA ALA A 41 -13.33 5.84 -21.60
C ALA A 41 -12.29 6.87 -21.21
N GLY A 42 -11.04 6.68 -21.60
CA GLY A 42 -10.01 7.67 -21.35
C GLY A 42 -9.06 7.28 -20.22
N VAL A 43 -9.09 6.02 -19.79
CA VAL A 43 -8.27 5.50 -18.72
C VAL A 43 -6.83 5.40 -19.22
N ASP A 44 -5.94 5.90 -18.39
CA ASP A 44 -4.55 5.95 -18.72
C ASP A 44 -3.87 4.63 -18.58
N GLY A 45 -4.24 3.74 -17.68
CA GLY A 45 -3.52 2.51 -17.47
C GLY A 45 -4.25 1.60 -16.52
N VAL A 46 -3.59 0.50 -16.16
CA VAL A 46 -4.14 -0.52 -15.27
C VAL A 46 -3.07 -0.98 -14.26
N MET A 47 -3.53 -1.69 -13.24
CA MET A 47 -2.67 -2.15 -12.18
C MET A 47 -2.87 -3.63 -11.99
N VAL A 48 -1.83 -4.42 -11.85
CA VAL A 48 -2.05 -5.85 -11.65
C VAL A 48 -1.05 -6.36 -10.63
N ASP A 49 -1.50 -7.30 -9.75
CA ASP A 49 -0.64 -8.07 -8.87
C ASP A 49 0.20 -9.13 -9.59
N VAL A 50 1.52 -9.15 -9.37
CA VAL A 50 2.38 -10.16 -9.96
C VAL A 50 2.73 -11.03 -8.75
N TRP A 51 1.86 -12.04 -8.56
CA TRP A 51 1.89 -12.91 -7.39
C TRP A 51 3.10 -13.77 -7.25
N TRP A 52 3.88 -13.59 -6.18
CA TRP A 52 5.05 -14.41 -5.92
C TRP A 52 4.73 -15.88 -5.92
N GLY A 53 3.54 -16.23 -5.43
CA GLY A 53 3.06 -17.61 -5.26
C GLY A 53 2.67 -18.39 -6.49
N ILE A 54 2.37 -17.67 -7.55
CA ILE A 54 2.18 -18.27 -8.87
C ILE A 54 3.56 -18.44 -9.53
N ILE A 55 4.38 -17.41 -9.58
CA ILE A 55 5.63 -17.40 -10.32
C ILE A 55 6.80 -18.21 -9.77
N GLU A 56 7.01 -18.20 -8.46
CA GLU A 56 8.08 -18.98 -7.88
C GLU A 56 7.55 -20.19 -7.13
N LEU A 57 6.46 -20.76 -7.65
CA LEU A 57 5.79 -21.88 -7.02
C LEU A 57 6.57 -23.18 -6.86
N LYS A 58 7.13 -23.66 -7.99
CA LYS A 58 7.85 -24.92 -8.01
C LYS A 58 9.08 -25.09 -7.15
N GLY A 59 9.78 -24.01 -6.78
CA GLY A 59 10.99 -24.16 -5.98
C GLY A 59 11.79 -22.87 -6.03
N PRO A 60 12.84 -22.75 -5.22
CA PRO A 60 13.75 -21.62 -5.18
C PRO A 60 14.32 -21.31 -6.54
N LYS A 61 14.06 -20.07 -6.91
CA LYS A 61 14.42 -19.49 -8.19
C LYS A 61 13.93 -20.24 -9.43
N GLN A 62 12.80 -20.96 -9.26
CA GLN A 62 12.08 -21.59 -10.35
C GLN A 62 11.00 -20.64 -10.81
N TYR A 63 11.36 -19.63 -11.61
CA TYR A 63 10.36 -18.67 -12.09
C TYR A 63 9.84 -18.99 -13.50
N ASP A 64 8.53 -18.78 -13.64
CA ASP A 64 7.84 -18.89 -14.90
C ASP A 64 7.07 -17.60 -15.09
N TRP A 65 7.55 -16.81 -16.04
CA TRP A 65 7.01 -15.51 -16.35
C TRP A 65 6.08 -15.56 -17.55
N ARG A 66 5.89 -16.73 -18.18
CA ARG A 66 5.13 -16.81 -19.41
C ARG A 66 3.72 -16.30 -19.31
N ALA A 67 2.78 -16.73 -18.46
CA ALA A 67 1.44 -16.17 -18.45
C ALA A 67 1.42 -14.66 -18.20
N TYR A 68 2.24 -14.08 -17.30
CA TYR A 68 2.33 -12.62 -17.18
C TYR A 68 2.86 -11.93 -18.44
N ARG A 69 3.85 -12.49 -19.20
CA ARG A 69 4.24 -11.90 -20.48
C ARG A 69 3.07 -11.73 -21.42
N SER A 70 2.21 -12.75 -21.56
CA SER A 70 1.03 -12.68 -22.40
C SER A 70 0.04 -11.59 -21.98
N LEU A 71 -0.10 -11.40 -20.66
CA LEU A 71 -1.01 -10.39 -20.10
C LEU A 71 -0.45 -9.02 -20.39
N PHE A 72 0.85 -8.78 -20.19
CA PHE A 72 1.44 -7.48 -20.49
C PHE A 72 1.41 -7.21 -21.98
N GLN A 73 1.46 -8.27 -22.79
CA GLN A 73 1.37 -8.18 -24.25
C GLN A 73 0.03 -7.65 -24.73
N LEU A 74 -1.04 -8.22 -24.15
CA LEU A 74 -2.40 -7.76 -24.43
C LEU A 74 -2.69 -6.36 -23.95
N VAL A 75 -2.17 -5.96 -22.76
CA VAL A 75 -2.38 -4.60 -22.24
C VAL A 75 -1.75 -3.59 -23.19
N GLN A 76 -0.52 -3.89 -23.65
CA GLN A 76 0.20 -3.00 -24.55
C GLN A 76 -0.55 -2.84 -25.88
N GLU A 77 -1.05 -3.95 -26.45
CA GLU A 77 -1.90 -3.88 -27.61
C GLU A 77 -3.15 -3.07 -27.34
N CYS A 78 -3.77 -3.03 -26.17
CA CYS A 78 -4.94 -2.20 -25.94
C CYS A 78 -4.68 -0.72 -25.70
N GLY A 79 -3.40 -0.34 -25.79
CA GLY A 79 -2.99 1.06 -25.62
C GLY A 79 -3.03 1.58 -24.20
N LEU A 80 -2.76 0.75 -23.19
CA LEU A 80 -2.79 1.16 -21.79
C LEU A 80 -1.42 1.01 -21.12
N THR A 81 -1.06 1.83 -20.11
CA THR A 81 0.17 1.63 -19.35
C THR A 81 -0.07 0.71 -18.15
N LEU A 82 0.95 0.34 -17.39
CA LEU A 82 0.74 -0.64 -16.37
C LEU A 82 1.46 -0.29 -15.09
N GLN A 83 0.84 -0.53 -13.95
CA GLN A 83 1.50 -0.40 -12.66
C GLN A 83 1.75 -1.83 -12.18
N ALA A 84 2.98 -2.34 -11.97
CA ALA A 84 3.15 -3.72 -11.56
C ALA A 84 3.36 -3.83 -10.05
N ILE A 85 2.64 -4.71 -9.34
CA ILE A 85 2.81 -4.84 -7.90
C ILE A 85 3.63 -6.10 -7.65
N MET A 86 4.77 -6.03 -6.94
CA MET A 86 5.55 -7.19 -6.57
C MET A 86 4.88 -7.73 -5.32
N SER A 87 3.89 -8.59 -5.57
CA SER A 87 3.02 -9.09 -4.52
C SER A 87 3.57 -10.28 -3.77
N PHE A 88 4.29 -10.06 -2.65
CA PHE A 88 4.85 -11.16 -1.88
C PHE A 88 3.96 -11.71 -0.78
N HIS A 89 2.65 -11.60 -0.99
CA HIS A 89 1.64 -11.90 0.00
C HIS A 89 0.57 -12.82 -0.57
N GLN A 90 -0.31 -13.24 0.35
CA GLN A 90 -1.42 -14.09 -0.01
C GLN A 90 -2.64 -13.31 -0.41
N CYS A 91 -3.24 -13.79 -1.49
CA CYS A 91 -4.54 -13.33 -1.89
C CYS A 91 -5.64 -14.25 -1.40
N GLY A 92 -6.57 -13.70 -0.60
CA GLY A 92 -7.77 -14.42 -0.17
C GLY A 92 -7.51 -15.61 0.77
N GLY A 93 -8.35 -16.66 0.65
CA GLY A 93 -8.25 -17.81 1.57
C GLY A 93 -9.36 -17.99 2.64
N ASN A 94 -10.09 -16.93 3.06
CA ASN A 94 -11.16 -17.06 4.06
C ASN A 94 -12.47 -17.37 3.36
N VAL A 95 -13.49 -17.60 4.21
CA VAL A 95 -14.85 -17.91 3.74
C VAL A 95 -15.35 -17.10 2.51
N GLY A 96 -15.74 -17.97 1.54
CA GLY A 96 -16.31 -17.55 0.26
C GLY A 96 -15.41 -16.62 -0.56
N ASP A 97 -14.08 -16.73 -0.35
CA ASP A 97 -13.15 -15.96 -1.15
C ASP A 97 -13.07 -16.48 -2.58
N ILE A 98 -13.24 -15.46 -3.45
CA ILE A 98 -13.22 -15.63 -4.89
C ILE A 98 -11.99 -16.37 -5.43
N VAL A 99 -10.85 -15.91 -4.93
CA VAL A 99 -9.55 -16.40 -5.35
C VAL A 99 -8.78 -16.73 -4.07
N ASN A 100 -7.94 -17.76 -4.17
CA ASN A 100 -7.07 -17.99 -3.06
C ASN A 100 -5.70 -18.22 -3.67
N ILE A 101 -4.72 -17.31 -3.49
CA ILE A 101 -3.37 -17.53 -3.97
C ILE A 101 -2.44 -17.43 -2.78
N PRO A 102 -1.85 -18.51 -2.22
CA PRO A 102 -0.91 -18.44 -1.12
C PRO A 102 0.45 -17.99 -1.63
N ILE A 103 1.40 -17.95 -0.70
CA ILE A 103 2.78 -17.73 -1.06
C ILE A 103 3.38 -19.07 -1.52
N PRO A 104 4.59 -19.21 -2.11
CA PRO A 104 5.19 -20.45 -2.52
C PRO A 104 5.03 -21.58 -1.53
N GLN A 105 4.48 -22.69 -2.03
CA GLN A 105 4.35 -23.91 -1.26
C GLN A 105 5.69 -24.35 -0.66
N TRP A 106 6.82 -24.12 -1.35
CA TRP A 106 8.12 -24.49 -0.81
C TRP A 106 8.46 -23.65 0.42
N VAL A 107 8.00 -22.40 0.50
CA VAL A 107 8.20 -21.57 1.68
C VAL A 107 7.25 -22.09 2.74
N LEU A 108 6.00 -22.43 2.39
CA LEU A 108 5.02 -22.98 3.32
C LEU A 108 5.48 -24.28 4.03
N ASP A 109 6.26 -25.08 3.30
CA ASP A 109 6.83 -26.28 3.84
C ASP A 109 7.90 -25.97 4.88
N ILE A 110 8.65 -24.88 4.75
CA ILE A 110 9.63 -24.49 5.76
C ILE A 110 8.91 -24.07 7.02
N GLY A 111 7.79 -23.36 6.86
CA GLY A 111 6.96 -22.90 7.95
C GLY A 111 6.25 -24.03 8.68
N GLU A 112 6.23 -25.22 8.09
CA GLU A 112 5.73 -26.38 8.78
C GLU A 112 6.70 -26.78 9.88
N SER A 113 8.00 -26.56 9.71
CA SER A 113 8.94 -26.87 10.77
C SER A 113 9.48 -25.67 11.54
N ASN A 114 9.14 -24.46 11.11
CA ASN A 114 9.56 -23.25 11.79
C ASN A 114 8.38 -22.35 11.55
N HIS A 115 7.43 -22.45 12.47
CA HIS A 115 6.22 -21.64 12.46
C HIS A 115 6.51 -20.19 12.78
N ASP A 116 7.69 -19.88 13.33
CA ASP A 116 8.02 -18.52 13.67
C ASP A 116 8.41 -17.63 12.50
N ILE A 117 8.33 -18.14 11.25
CA ILE A 117 8.52 -17.30 10.07
C ILE A 117 7.26 -16.53 9.74
N PHE A 118 6.12 -16.78 10.40
CA PHE A 118 4.88 -16.05 10.12
C PHE A 118 4.56 -15.02 11.19
N TYR A 119 3.82 -13.96 10.94
CA TYR A 119 3.37 -13.09 12.02
C TYR A 119 2.48 -13.78 13.07
N THR A 120 2.74 -13.49 14.35
CA THR A 120 2.09 -14.21 15.46
C THR A 120 1.51 -13.24 16.48
N ASN A 121 0.24 -13.42 16.89
CA ASN A 121 -0.35 -12.60 17.92
C ASN A 121 -0.05 -13.23 19.27
N ARG A 122 -0.55 -12.68 20.40
CA ARG A 122 -0.25 -13.15 21.76
C ARG A 122 -0.72 -14.57 21.99
N SER A 123 -1.87 -14.92 21.41
CA SER A 123 -2.46 -16.25 21.54
C SER A 123 -1.67 -17.38 20.88
N GLY A 124 -0.67 -17.07 20.02
CA GLY A 124 0.10 -18.08 19.30
C GLY A 124 -0.45 -18.41 17.92
N THR A 125 -1.34 -17.60 17.34
CA THR A 125 -1.80 -17.86 15.99
C THR A 125 -0.88 -17.25 14.95
N ARG A 126 -0.62 -18.18 14.06
CA ARG A 126 0.21 -17.98 12.87
C ARG A 126 -0.55 -17.39 11.71
N ASN A 127 -0.20 -16.19 11.23
CA ASN A 127 -0.81 -15.66 10.02
C ASN A 127 0.17 -15.98 8.91
N LYS A 128 -0.32 -16.74 7.95
CA LYS A 128 0.51 -17.22 6.86
C LYS A 128 0.49 -16.32 5.64
N GLU A 129 -0.10 -15.14 5.72
CA GLU A 129 -0.19 -14.27 4.56
C GLU A 129 1.11 -13.67 4.07
N TYR A 130 2.16 -13.68 4.86
CA TYR A 130 3.34 -12.85 4.63
C TYR A 130 4.37 -13.23 5.66
N LEU A 131 5.62 -13.20 5.26
CA LEU A 131 6.69 -13.55 6.17
C LEU A 131 7.01 -12.43 7.14
N THR A 132 7.06 -12.69 8.44
CA THR A 132 7.46 -11.70 9.41
C THR A 132 8.78 -11.00 9.12
N VAL A 133 8.79 -9.70 9.44
CA VAL A 133 9.96 -8.87 9.33
C VAL A 133 11.07 -9.44 10.21
N GLY A 134 10.72 -10.30 11.16
CA GLY A 134 11.69 -11.02 11.96
C GLY A 134 12.59 -11.92 11.13
N VAL A 135 12.14 -12.53 10.03
CA VAL A 135 13.06 -13.33 9.23
C VAL A 135 13.69 -12.65 8.02
N ASP A 136 13.56 -11.30 7.92
CA ASP A 136 14.13 -10.57 6.81
C ASP A 136 15.59 -10.83 6.53
N ASN A 137 16.39 -11.01 7.57
CA ASN A 137 17.81 -11.26 7.36
C ASN A 137 18.30 -12.55 7.94
N GLU A 138 17.37 -13.52 8.08
CA GLU A 138 17.67 -14.87 8.55
C GLU A 138 17.86 -15.78 7.36
N PRO A 139 19.01 -16.47 7.20
CA PRO A 139 19.33 -17.31 6.01
C PRO A 139 18.75 -18.71 6.05
N ILE A 140 17.44 -18.80 6.32
CA ILE A 140 16.78 -20.08 6.55
C ILE A 140 15.87 -20.58 5.44
N PHE A 141 15.85 -19.98 4.24
CA PHE A 141 14.99 -20.45 3.16
C PHE A 141 15.91 -20.95 2.05
N HIS A 142 16.39 -22.18 2.33
CA HIS A 142 17.37 -22.91 1.53
C HIS A 142 18.61 -22.09 1.25
N GLY A 143 19.13 -21.49 2.32
CA GLY A 143 20.31 -20.66 2.22
C GLY A 143 20.02 -19.20 1.95
N ARG A 144 18.80 -18.81 1.56
CA ARG A 144 18.48 -17.41 1.40
C ARG A 144 17.67 -16.81 2.57
N THR A 145 17.86 -15.51 2.70
CA THR A 145 17.22 -14.60 3.62
C THR A 145 15.87 -14.25 2.98
N ALA A 146 14.78 -13.85 3.68
CA ALA A 146 13.58 -13.40 2.99
C ALA A 146 13.85 -12.15 2.13
N ILE A 147 14.68 -11.15 2.46
CA ILE A 147 14.96 -10.04 1.56
C ILE A 147 15.69 -10.41 0.25
N GLU A 148 16.60 -11.40 0.29
CA GLU A 148 17.21 -11.97 -0.91
C GLU A 148 16.20 -12.71 -1.76
N ILE A 149 15.16 -13.33 -1.20
CA ILE A 149 14.13 -13.94 -1.99
C ILE A 149 13.40 -12.81 -2.73
N TYR A 150 13.10 -11.69 -2.05
CA TYR A 150 12.34 -10.63 -2.65
C TYR A 150 13.21 -9.93 -3.67
N SER A 151 14.49 -9.84 -3.37
CA SER A 151 15.40 -9.16 -4.26
C SER A 151 15.59 -9.92 -5.58
N ASP A 152 15.72 -11.24 -5.49
CA ASP A 152 15.89 -12.09 -6.66
C ASP A 152 14.67 -12.08 -7.55
N TYR A 153 13.49 -12.10 -6.95
CA TYR A 153 12.26 -12.05 -7.70
C TYR A 153 12.23 -10.76 -8.51
N MET A 154 12.58 -9.63 -7.92
CA MET A 154 12.56 -8.39 -8.65
C MET A 154 13.61 -8.30 -9.74
N LYS A 155 14.81 -8.90 -9.56
CA LYS A 155 15.84 -8.92 -10.58
C LYS A 155 15.43 -9.82 -11.77
N SER A 156 14.80 -10.97 -11.52
CA SER A 156 14.31 -11.83 -12.58
C SER A 156 13.17 -11.14 -13.32
N PHE A 157 12.29 -10.43 -12.60
CA PHE A 157 11.24 -9.68 -13.23
C PHE A 157 11.85 -8.68 -14.18
N ARG A 158 12.83 -7.87 -13.74
CA ARG A 158 13.51 -6.93 -14.64
C ARG A 158 14.17 -7.58 -15.87
N GLU A 159 14.82 -8.71 -15.75
CA GLU A 159 15.45 -9.33 -16.88
C GLU A 159 14.47 -9.95 -17.83
N ASN A 160 13.46 -10.66 -17.34
CA ASN A 160 12.51 -11.31 -18.24
C ASN A 160 11.41 -10.44 -18.82
N MET A 161 11.21 -9.24 -18.29
CA MET A 161 10.24 -8.25 -18.77
C MET A 161 10.97 -7.03 -19.31
N SER A 162 12.28 -7.09 -19.61
CA SER A 162 13.00 -5.89 -20.02
C SER A 162 12.52 -5.27 -21.31
N ASP A 163 11.99 -6.00 -22.28
CA ASP A 163 11.36 -5.37 -23.44
C ASP A 163 10.08 -4.61 -23.07
N PHE A 164 9.25 -5.01 -22.09
CA PHE A 164 8.11 -4.16 -21.71
C PHE A 164 8.60 -2.96 -20.94
N LEU A 165 9.67 -3.13 -20.17
CA LEU A 165 10.27 -2.02 -19.44
C LEU A 165 10.91 -0.99 -20.38
N GLU A 166 11.64 -1.49 -21.40
CA GLU A 166 12.29 -0.63 -22.38
C GLU A 166 11.25 0.02 -23.25
N SER A 167 10.11 -0.62 -23.53
CA SER A 167 9.07 0.00 -24.34
C SER A 167 8.13 0.93 -23.60
N GLY A 168 8.38 1.21 -22.31
CA GLY A 168 7.56 2.15 -21.53
C GLY A 168 6.15 1.71 -21.15
N LEU A 169 5.89 0.39 -21.13
CA LEU A 169 4.58 -0.09 -20.75
C LEU A 169 4.43 0.14 -19.28
N ILE A 170 5.46 -0.18 -18.50
CA ILE A 170 5.35 -0.15 -17.05
C ILE A 170 5.74 1.19 -16.44
N ILE A 171 4.72 1.84 -15.94
CA ILE A 171 4.81 3.16 -15.33
C ILE A 171 5.39 3.07 -13.90
N ASP A 172 4.97 2.15 -13.01
CA ASP A 172 5.64 2.02 -11.75
C ASP A 172 5.58 0.63 -11.23
N ILE A 173 6.54 0.39 -10.33
CA ILE A 173 6.70 -0.88 -9.67
C ILE A 173 6.29 -0.68 -8.22
N GLU A 174 5.14 -1.19 -7.80
CA GLU A 174 4.73 -1.06 -6.42
C GLU A 174 5.38 -2.19 -5.61
N VAL A 175 6.25 -2.05 -4.60
CA VAL A 175 6.74 -3.28 -3.99
C VAL A 175 6.02 -3.56 -2.67
N GLY A 176 5.40 -4.74 -2.72
CA GLY A 176 4.62 -5.27 -1.62
C GLY A 176 5.51 -5.46 -0.41
N LEU A 177 5.01 -4.96 0.71
CA LEU A 177 5.75 -4.92 1.98
C LEU A 177 5.10 -5.54 3.23
N GLY A 178 3.93 -6.14 3.05
CA GLY A 178 3.22 -6.76 4.13
C GLY A 178 1.93 -7.35 3.60
N PRO A 179 0.95 -7.60 4.51
CA PRO A 179 -0.39 -8.12 4.20
C PRO A 179 -1.02 -7.20 3.19
N ALA A 180 -1.60 -7.79 2.16
CA ALA A 180 -2.25 -7.05 1.11
C ALA A 180 -1.29 -6.09 0.45
N GLY A 181 0.02 -6.37 0.44
CA GLY A 181 1.03 -5.51 -0.20
C GLY A 181 1.33 -4.18 0.49
N GLU A 182 0.67 -3.90 1.63
CA GLU A 182 0.83 -2.68 2.42
C GLU A 182 1.89 -2.85 3.50
N LEU A 183 2.64 -1.78 3.75
CA LEU A 183 3.62 -1.79 4.82
C LEU A 183 2.89 -1.65 6.15
N ARG A 184 2.64 -2.78 6.80
CA ARG A 184 1.96 -2.85 8.10
C ARG A 184 1.96 -4.26 8.65
N TYR A 185 1.55 -4.41 9.92
CA TYR A 185 1.42 -5.71 10.53
C TYR A 185 0.02 -6.18 10.17
N PRO A 186 -0.26 -7.47 10.18
CA PRO A 186 -1.59 -8.01 9.90
C PRO A 186 -2.50 -7.87 11.12
N SER A 187 -2.73 -6.65 11.57
CA SER A 187 -3.37 -6.48 12.85
C SER A 187 -4.86 -6.60 12.87
N TYR A 188 -5.50 -6.65 11.70
CA TYR A 188 -6.93 -6.80 11.65
C TYR A 188 -7.39 -7.92 10.72
N PRO A 189 -7.03 -9.18 11.04
CA PRO A 189 -7.28 -10.35 10.22
C PRO A 189 -8.69 -10.86 10.37
N GLN A 190 -9.40 -10.68 9.24
CA GLN A 190 -10.80 -11.08 9.06
C GLN A 190 -11.01 -12.55 9.41
N SER A 191 -10.00 -13.30 9.01
CA SER A 191 -9.88 -14.74 9.14
C SER A 191 -9.77 -15.28 10.55
N GLN A 192 -9.39 -14.36 11.45
CA GLN A 192 -9.25 -14.61 12.86
C GLN A 192 -10.41 -13.97 13.60
N GLY A 193 -11.50 -13.67 12.93
CA GLY A 193 -12.65 -13.14 13.61
C GLY A 193 -12.76 -11.64 13.61
N TRP A 194 -11.72 -10.84 13.36
CA TRP A 194 -11.87 -9.39 13.40
C TRP A 194 -12.98 -8.86 12.49
N GLU A 195 -13.59 -7.82 13.08
CA GLU A 195 -14.68 -7.05 12.50
C GLU A 195 -14.48 -5.61 12.90
N PHE A 196 -14.68 -4.76 11.88
CA PHE A 196 -14.65 -3.31 12.05
C PHE A 196 -15.66 -2.95 13.14
N PRO A 197 -15.44 -2.00 14.05
CA PRO A 197 -14.35 -1.06 14.08
C PRO A 197 -13.41 -1.45 15.17
N ARG A 198 -12.93 -2.67 15.14
CA ARG A 198 -12.18 -3.00 16.29
C ARG A 198 -10.70 -2.78 16.18
N ILE A 199 -10.15 -2.55 17.37
CA ILE A 199 -8.79 -2.05 17.49
C ILE A 199 -7.67 -2.93 16.94
N GLY A 200 -7.90 -4.22 16.69
CA GLY A 200 -6.86 -5.10 16.19
C GLY A 200 -5.88 -5.54 17.26
N GLU A 201 -4.92 -6.39 16.90
CA GLU A 201 -3.90 -6.85 17.83
C GLU A 201 -2.51 -6.69 17.27
N PHE A 202 -1.55 -6.50 18.19
CA PHE A 202 -0.14 -6.37 17.90
C PHE A 202 0.33 -7.72 17.41
N GLN A 203 1.28 -7.75 16.47
CA GLN A 203 1.69 -8.98 15.81
C GLN A 203 3.19 -9.15 15.92
N CYS A 204 3.69 -9.14 17.15
CA CYS A 204 5.12 -9.18 17.37
C CYS A 204 5.50 -10.34 18.25
N TYR A 205 4.68 -11.39 18.24
CA TYR A 205 4.97 -12.50 19.12
C TYR A 205 5.73 -13.66 18.53
N ASP A 206 6.14 -13.63 17.25
CA ASP A 206 7.01 -14.70 16.74
C ASP A 206 8.34 -14.64 17.48
N LYS A 207 9.08 -15.75 17.51
CA LYS A 207 10.29 -15.83 18.31
C LYS A 207 11.40 -14.93 17.91
N TYR A 208 11.38 -14.48 16.66
CA TYR A 208 12.44 -13.60 16.18
C TYR A 208 12.19 -12.20 16.68
N LEU A 209 10.97 -11.67 16.55
CA LEU A 209 10.65 -10.33 16.99
C LEU A 209 10.66 -10.31 18.51
N LYS A 210 10.23 -11.34 19.24
CA LYS A 210 10.25 -11.33 20.70
C LYS A 210 11.69 -11.34 21.26
N ALA A 211 12.57 -12.10 20.58
CA ALA A 211 13.96 -12.18 21.00
C ALA A 211 14.66 -10.89 20.73
N ASP A 212 14.17 -10.15 19.72
CA ASP A 212 14.72 -8.87 19.33
C ASP A 212 14.34 -7.78 20.31
N PHE A 213 13.07 -7.75 20.69
CA PHE A 213 12.57 -6.83 21.67
C PHE A 213 13.26 -7.00 23.01
N LYS A 214 13.38 -8.24 23.47
CA LYS A 214 14.01 -8.46 24.74
C LYS A 214 15.46 -8.05 24.81
N ALA A 215 16.19 -8.10 23.70
CA ALA A 215 17.58 -7.68 23.73
C ALA A 215 17.63 -6.17 23.78
N ALA A 216 16.69 -5.52 23.08
CA ALA A 216 16.59 -4.07 23.02
C ALA A 216 16.22 -3.42 24.35
N VAL A 217 15.21 -3.95 25.07
CA VAL A 217 14.81 -3.43 26.38
C VAL A 217 15.91 -3.69 27.38
N ALA A 218 16.66 -4.80 27.25
CA ALA A 218 17.79 -5.05 28.12
C ALA A 218 18.81 -3.97 27.90
N ARG A 219 19.04 -3.51 26.65
CA ARG A 219 20.00 -2.45 26.39
C ARG A 219 19.50 -1.06 26.80
N ALA A 220 18.17 -0.82 26.81
CA ALA A 220 17.62 0.45 27.22
C ALA A 220 17.62 0.55 28.74
N GLY A 221 17.96 -0.56 29.41
CA GLY A 221 18.19 -0.61 30.84
C GLY A 221 17.10 -1.27 31.63
N HIS A 222 16.12 -1.84 30.92
CA HIS A 222 14.94 -2.47 31.49
C HIS A 222 14.69 -3.87 30.98
N PRO A 223 15.62 -4.82 31.24
CA PRO A 223 15.60 -6.18 30.72
C PRO A 223 14.39 -6.98 31.06
N GLU A 224 13.64 -6.49 32.05
CA GLU A 224 12.45 -7.14 32.60
C GLU A 224 11.15 -6.77 31.93
N TRP A 225 11.21 -5.77 31.01
CA TRP A 225 10.06 -5.38 30.23
C TRP A 225 9.71 -6.47 29.24
N GLU A 226 8.39 -6.67 29.14
CA GLU A 226 7.71 -7.66 28.30
C GLU A 226 6.86 -7.05 27.17
N LEU A 227 6.47 -7.86 26.19
CA LEU A 227 5.54 -7.41 25.16
C LEU A 227 4.18 -7.18 25.81
N PRO A 228 3.29 -6.30 25.32
CA PRO A 228 1.93 -6.09 25.82
C PRO A 228 1.17 -7.32 26.25
N ASP A 229 0.70 -7.24 27.49
CA ASP A 229 -0.15 -8.29 28.02
C ASP A 229 -1.55 -7.78 28.37
N ASP A 230 -1.70 -6.48 28.19
CA ASP A 230 -2.92 -5.77 28.52
C ASP A 230 -3.53 -5.00 27.36
N ALA A 231 -3.25 -5.34 26.11
CA ALA A 231 -3.78 -4.59 25.00
C ALA A 231 -5.09 -5.13 24.56
N GLY A 232 -5.58 -6.23 25.14
CA GLY A 232 -6.87 -6.79 24.72
C GLY A 232 -6.81 -7.76 23.54
N LYS A 233 -7.92 -7.78 22.81
CA LYS A 233 -8.22 -8.74 21.74
C LYS A 233 -8.71 -8.00 20.50
N TYR A 234 -8.67 -8.62 19.30
CA TYR A 234 -9.04 -7.97 18.05
C TYR A 234 -10.23 -7.03 18.07
N ASN A 235 -11.31 -7.57 18.66
CA ASN A 235 -12.54 -6.83 18.67
C ASN A 235 -12.83 -5.91 19.84
N ASP A 236 -11.83 -5.54 20.65
CA ASP A 236 -12.08 -4.61 21.73
C ASP A 236 -12.18 -3.21 21.21
N VAL A 237 -12.63 -2.42 22.16
CA VAL A 237 -12.73 -0.99 22.06
C VAL A 237 -11.58 -0.53 22.98
N PRO A 238 -10.89 0.60 22.82
CA PRO A 238 -9.66 0.88 23.53
C PRO A 238 -9.80 1.07 25.02
N GLU A 239 -10.92 1.68 25.48
CA GLU A 239 -11.09 1.96 26.90
C GLU A 239 -11.33 0.69 27.70
N SER A 240 -11.65 -0.39 26.98
CA SER A 240 -11.84 -1.69 27.58
C SER A 240 -10.51 -2.42 27.83
N THR A 241 -9.37 -1.79 27.46
CA THR A 241 -8.06 -2.39 27.55
C THR A 241 -7.12 -1.56 28.43
N GLY A 242 -6.20 -2.22 29.13
CA GLY A 242 -5.27 -1.55 30.00
C GLY A 242 -4.29 -0.73 29.22
N PHE A 243 -4.01 -1.10 27.97
CA PHE A 243 -2.98 -0.45 27.18
C PHE A 243 -3.48 0.84 26.60
N PHE A 244 -4.71 0.86 26.11
CA PHE A 244 -5.17 2.01 25.35
C PHE A 244 -6.10 2.92 26.12
N LYS A 245 -6.53 2.56 27.33
CA LYS A 245 -7.31 3.50 28.14
C LYS A 245 -6.54 4.80 28.47
N SER A 246 -7.22 5.89 28.89
CA SER A 246 -6.64 7.13 29.44
C SER A 246 -5.51 6.80 30.39
N ASN A 247 -4.37 7.50 30.30
CA ASN A 247 -3.22 7.19 31.12
C ASN A 247 -2.85 5.67 31.21
N GLY A 248 -3.15 4.83 30.20
CA GLY A 248 -2.77 3.41 30.20
C GLY A 248 -1.31 3.18 29.83
N THR A 249 -0.99 1.92 29.48
CA THR A 249 0.40 1.57 29.18
C THR A 249 1.00 2.22 27.97
N TYR A 250 0.23 2.65 26.97
CA TYR A 250 0.81 3.27 25.78
C TYR A 250 1.49 4.60 26.04
N VAL A 251 1.12 5.27 27.13
CA VAL A 251 1.62 6.58 27.52
C VAL A 251 2.81 6.53 28.47
N THR A 252 3.00 5.34 29.04
CA THR A 252 4.13 4.93 29.87
C THR A 252 5.46 4.89 29.11
N GLU A 253 6.61 4.83 29.82
CA GLU A 253 7.94 4.75 29.22
C GLU A 253 8.19 3.39 28.55
N LYS A 254 7.61 2.35 29.14
CA LYS A 254 7.63 1.00 28.62
C LYS A 254 6.81 0.87 27.38
N GLY A 255 5.63 1.50 27.34
CA GLY A 255 4.70 1.46 26.22
C GLY A 255 5.22 2.30 25.08
N LYS A 256 5.78 3.48 25.34
CA LYS A 256 6.39 4.32 24.32
C LYS A 256 7.65 3.70 23.77
N PHE A 257 8.39 2.96 24.58
CA PHE A 257 9.54 2.24 24.08
C PHE A 257 9.09 1.14 23.13
N PHE A 258 8.11 0.31 23.52
CA PHE A 258 7.54 -0.74 22.67
C PHE A 258 7.02 -0.17 21.36
N LEU A 259 6.20 0.86 21.43
CA LEU A 259 5.59 1.44 20.25
C LEU A 259 6.63 2.02 19.30
N THR A 260 7.71 2.60 19.81
CA THR A 260 8.80 3.05 18.97
C THR A 260 9.53 1.86 18.36
N TRP A 261 9.80 0.76 19.08
CA TRP A 261 10.45 -0.41 18.52
C TRP A 261 9.59 -1.03 17.40
N TYR A 262 8.31 -1.27 17.72
CA TYR A 262 7.34 -1.92 16.85
C TYR A 262 7.14 -1.19 15.52
N SER A 263 6.98 0.15 15.51
CA SER A 263 6.77 0.91 14.30
C SER A 263 8.04 1.14 13.48
N ASN A 264 9.19 1.09 14.18
CA ASN A 264 10.50 1.21 13.59
C ASN A 264 10.92 -0.03 12.85
N LYS A 265 10.40 -1.17 13.27
CA LYS A 265 10.59 -2.43 12.57
C LYS A 265 10.06 -2.30 11.13
N LEU A 266 8.94 -1.57 10.94
CA LEU A 266 8.37 -1.38 9.63
C LEU A 266 9.19 -0.40 8.80
N LEU A 267 9.76 0.65 9.38
CA LEU A 267 10.52 1.61 8.62
C LEU A 267 11.76 0.99 8.03
N ASN A 268 12.47 0.20 8.85
CA ASN A 268 13.67 -0.48 8.38
C ASN A 268 13.37 -1.61 7.41
N HIS A 269 12.26 -2.34 7.58
CA HIS A 269 11.75 -3.32 6.63
C HIS A 269 11.53 -2.65 5.27
N GLY A 270 10.81 -1.52 5.26
CA GLY A 270 10.50 -0.78 4.06
C GLY A 270 11.77 -0.28 3.39
N ASP A 271 12.69 0.28 4.17
CA ASP A 271 13.90 0.86 3.63
C ASP A 271 14.90 -0.17 3.05
N GLN A 272 15.07 -1.35 3.67
CA GLN A 272 15.96 -2.36 3.14
C GLN A 272 15.47 -3.00 1.87
N ILE A 273 14.18 -3.30 1.73
CA ILE A 273 13.68 -3.94 0.53
C ILE A 273 13.66 -2.95 -0.60
N LEU A 274 13.33 -1.69 -0.36
CA LEU A 274 13.33 -0.68 -1.38
C LEU A 274 14.77 -0.39 -1.77
N ASP A 275 15.76 -0.73 -0.94
CA ASP A 275 17.16 -0.66 -1.32
C ASP A 275 17.43 -1.65 -2.44
N GLU A 276 16.83 -2.83 -2.29
CA GLU A 276 16.94 -3.91 -3.24
C GLU A 276 16.23 -3.61 -4.55
N ALA A 277 15.02 -3.01 -4.46
CA ALA A 277 14.18 -2.65 -5.59
C ALA A 277 14.81 -1.59 -6.46
N ASN A 278 15.52 -0.66 -5.83
CA ASN A 278 16.23 0.33 -6.59
C ASN A 278 17.40 -0.37 -7.28
N LYS A 279 18.11 -1.36 -6.72
CA LYS A 279 19.19 -2.05 -7.43
C LYS A 279 18.62 -2.81 -8.59
N ALA A 280 17.51 -3.55 -8.40
CA ALA A 280 16.93 -4.32 -9.47
C ALA A 280 16.40 -3.51 -10.61
N PHE A 281 15.92 -2.28 -10.41
CA PHE A 281 15.32 -1.51 -11.51
C PHE A 281 16.11 -0.29 -11.88
N LEU A 282 17.38 -0.30 -11.47
CA LEU A 282 18.29 0.80 -11.70
C LEU A 282 18.38 1.01 -13.20
N GLY A 283 18.20 2.25 -13.62
CA GLY A 283 18.33 2.59 -15.02
C GLY A 283 17.04 2.41 -15.81
N CYS A 284 16.04 1.68 -15.31
CA CYS A 284 14.79 1.55 -16.04
C CYS A 284 13.91 2.78 -15.91
N LYS A 285 13.04 3.09 -16.87
CA LYS A 285 12.17 4.25 -16.77
C LYS A 285 10.88 3.82 -16.06
N VAL A 286 11.02 3.74 -14.74
CA VAL A 286 9.96 3.26 -13.88
C VAL A 286 10.08 4.04 -12.57
N LYS A 287 8.98 4.31 -11.86
CA LYS A 287 9.05 4.93 -10.55
C LYS A 287 8.76 3.87 -9.49
N LEU A 288 9.36 3.91 -8.31
CA LEU A 288 9.08 2.96 -7.26
C LEU A 288 7.94 3.50 -6.42
N ALA A 289 7.14 2.60 -5.85
CA ALA A 289 6.00 2.94 -5.01
C ALA A 289 5.78 1.90 -3.93
N ILE A 290 5.22 2.33 -2.78
CA ILE A 290 4.76 1.44 -1.71
C ILE A 290 3.34 1.84 -1.33
N LYS A 291 2.64 0.88 -0.73
CA LYS A 291 1.28 1.09 -0.26
C LYS A 291 1.20 1.24 1.26
N VAL A 292 0.59 2.29 1.75
CA VAL A 292 0.40 2.51 3.19
C VAL A 292 -1.11 2.36 3.39
N SER A 293 -1.58 1.64 4.41
CA SER A 293 -3.02 1.50 4.65
C SER A 293 -3.69 2.73 5.28
N GLY A 294 -4.97 2.98 4.97
CA GLY A 294 -5.73 4.03 5.62
C GLY A 294 -6.62 3.43 6.72
N ILE A 295 -6.16 3.52 7.97
CA ILE A 295 -6.84 2.94 9.13
C ILE A 295 -7.38 4.15 9.85
N HIS A 296 -8.64 4.43 9.50
CA HIS A 296 -9.30 5.63 9.94
C HIS A 296 -10.04 5.45 11.21
N TRP A 297 -10.38 4.21 11.61
CA TRP A 297 -11.10 3.99 12.84
C TRP A 297 -10.20 4.13 14.06
N TRP A 298 -10.74 4.88 15.04
CA TRP A 298 -10.16 5.30 16.31
C TRP A 298 -9.18 6.42 16.13
N TYR A 299 -9.21 7.03 14.94
CA TYR A 299 -8.36 8.16 14.62
C TYR A 299 -8.80 9.35 15.42
N LYS A 300 -10.10 9.45 15.79
CA LYS A 300 -10.60 10.57 16.56
C LYS A 300 -10.54 10.49 18.07
N VAL A 301 -9.97 9.41 18.65
CA VAL A 301 -9.66 9.37 20.09
C VAL A 301 -8.15 9.46 20.28
N GLU A 302 -7.67 9.88 21.45
CA GLU A 302 -6.25 10.12 21.65
C GLU A 302 -5.30 8.96 21.42
N ASN A 303 -5.76 7.75 21.63
CA ASN A 303 -4.87 6.60 21.53
C ASN A 303 -4.64 6.03 20.14
N HIS A 304 -5.45 6.42 19.14
CA HIS A 304 -5.38 5.95 17.76
C HIS A 304 -5.08 4.47 17.68
N ALA A 305 -5.86 3.68 18.41
CA ALA A 305 -5.55 2.28 18.61
C ALA A 305 -5.31 1.36 17.43
N ALA A 306 -6.20 1.43 16.44
CA ALA A 306 -6.10 0.59 15.25
C ALA A 306 -4.86 0.93 14.43
N GLU A 307 -4.51 2.22 14.34
CA GLU A 307 -3.25 2.58 13.70
C GLU A 307 -2.02 2.04 14.44
N LEU A 308 -1.98 2.14 15.80
CA LEU A 308 -0.84 1.70 16.58
C LEU A 308 -0.63 0.21 16.45
N THR A 309 -1.70 -0.60 16.46
CA THR A 309 -1.53 -2.05 16.36
C THR A 309 -1.08 -2.50 14.98
N ALA A 310 -1.39 -1.67 14.00
CA ALA A 310 -0.94 -1.84 12.62
C ALA A 310 0.52 -1.44 12.34
N GLY A 311 1.08 -0.77 13.33
CA GLY A 311 2.47 -0.38 13.28
C GLY A 311 2.57 1.06 12.91
N TYR A 312 1.48 1.83 12.83
CA TYR A 312 1.64 3.21 12.45
C TYR A 312 1.57 4.01 13.72
N TYR A 313 2.73 4.44 14.26
CA TYR A 313 2.74 5.11 15.57
C TYR A 313 2.33 6.57 15.48
N ASN A 314 1.04 6.76 15.26
CA ASN A 314 0.47 8.07 15.03
C ASN A 314 -0.46 8.49 16.15
N LEU A 315 -0.03 9.51 16.88
CA LEU A 315 -0.84 10.11 17.91
C LEU A 315 -1.07 11.55 17.53
N ASN A 316 -1.90 12.27 18.27
CA ASN A 316 -2.16 13.67 17.95
C ASN A 316 -0.94 14.58 18.08
N ASP A 317 0.05 14.15 18.86
CA ASP A 317 1.28 14.90 19.04
C ASP A 317 2.51 14.13 18.56
N ARG A 318 2.27 13.12 17.70
CA ARG A 318 3.37 12.37 17.14
C ARG A 318 2.97 11.94 15.75
N ASP A 319 3.54 12.52 14.69
CA ASP A 319 3.19 12.09 13.36
C ASP A 319 3.89 10.78 13.01
N GLY A 320 3.12 9.73 12.79
CA GLY A 320 3.69 8.43 12.44
C GLY A 320 3.66 8.11 10.96
N TYR A 321 3.26 9.07 10.10
CA TYR A 321 3.22 8.84 8.67
C TYR A 321 4.31 9.61 7.97
N ARG A 322 4.65 10.81 8.44
CA ARG A 322 5.69 11.54 7.81
C ARG A 322 7.06 10.91 8.04
N PRO A 323 7.45 10.09 9.02
CA PRO A 323 8.69 9.32 8.95
C PRO A 323 8.75 8.36 7.76
N ILE A 324 7.62 7.79 7.32
CA ILE A 324 7.54 6.87 6.18
C ILE A 324 7.76 7.69 4.92
N ALA A 325 7.18 8.87 4.76
CA ALA A 325 7.39 9.71 3.60
C ALA A 325 8.83 10.17 3.52
N ARG A 326 9.45 10.58 4.63
CA ARG A 326 10.88 10.87 4.70
C ARG A 326 11.77 9.70 4.25
N MET A 327 11.58 8.47 4.71
CA MET A 327 12.32 7.28 4.27
C MET A 327 12.19 7.04 2.76
N LEU A 328 10.98 7.24 2.23
CA LEU A 328 10.67 7.10 0.81
C LEU A 328 11.41 8.10 -0.03
N SER A 329 11.65 9.32 0.46
CA SER A 329 12.38 10.30 -0.30
C SER A 329 13.79 9.85 -0.68
N ARG A 330 14.63 9.06 0.02
CA ARG A 330 15.93 8.68 -0.52
C ARG A 330 15.83 7.68 -1.67
N HIS A 331 14.73 6.95 -1.82
CA HIS A 331 14.53 6.01 -2.92
C HIS A 331 13.76 6.60 -4.06
N HIS A 332 13.42 7.88 -3.91
CA HIS A 332 12.63 8.70 -4.82
C HIS A 332 11.31 7.99 -5.11
N ALA A 333 10.68 7.45 -4.06
CA ALA A 333 9.48 6.68 -4.24
C ALA A 333 8.24 7.45 -3.89
N ILE A 334 7.19 6.84 -4.42
CA ILE A 334 5.83 7.32 -4.29
C ILE A 334 5.18 6.60 -3.11
N LEU A 335 4.38 7.38 -2.37
CA LEU A 335 3.51 6.84 -1.31
C LEU A 335 2.07 6.65 -1.88
N ASN A 336 1.66 5.39 -2.06
CA ASN A 336 0.34 5.05 -2.51
C ASN A 336 -0.53 4.80 -1.27
N PHE A 337 -1.43 5.75 -1.02
CA PHE A 337 -2.28 5.67 0.15
C PHE A 337 -3.59 5.01 -0.26
N THR A 338 -3.87 3.85 0.34
CA THR A 338 -4.97 3.01 -0.13
C THR A 338 -6.38 3.31 0.35
N CYS A 339 -6.66 4.57 0.65
CA CYS A 339 -8.01 4.92 1.06
C CYS A 339 -8.19 6.40 0.74
N LEU A 340 -9.18 6.72 -0.09
CA LEU A 340 -9.31 8.05 -0.64
C LEU A 340 -10.71 8.57 -0.86
N GLU A 341 -11.72 7.74 -0.64
CA GLU A 341 -13.09 8.07 -0.98
C GLU A 341 -14.10 8.33 0.16
N MET A 342 -13.70 7.95 1.36
CA MET A 342 -14.61 7.97 2.47
C MET A 342 -14.80 9.31 3.12
N ARG A 343 -16.02 9.48 3.60
CA ARG A 343 -16.34 10.67 4.34
C ARG A 343 -16.60 10.25 5.76
N ASP A 344 -16.33 11.15 6.70
CA ASP A 344 -16.58 10.87 8.12
C ASP A 344 -18.03 10.55 8.38
N SER A 345 -18.92 11.38 7.79
CA SER A 345 -20.35 11.23 7.97
C SER A 345 -20.90 9.89 7.56
N GLU A 346 -20.19 9.16 6.71
CA GLU A 346 -20.59 7.82 6.33
C GLU A 346 -20.28 6.80 7.42
N GLN A 347 -19.38 7.12 8.35
CA GLN A 347 -18.98 6.22 9.44
C GLN A 347 -19.90 6.11 10.64
N PRO A 348 -20.14 4.92 11.22
CA PRO A 348 -20.79 4.74 12.51
C PRO A 348 -20.01 5.56 13.51
N SER A 349 -20.73 6.40 14.28
CA SER A 349 -20.14 7.34 15.26
C SER A 349 -19.25 6.73 16.35
N ASP A 350 -19.62 5.52 16.74
CA ASP A 350 -18.97 4.70 17.74
C ASP A 350 -17.65 4.10 17.28
N ALA A 351 -17.34 4.30 16.00
CA ALA A 351 -16.05 3.90 15.48
C ALA A 351 -15.00 5.02 15.69
N LYS A 352 -15.42 6.28 15.97
CA LYS A 352 -14.56 7.45 16.16
C LYS A 352 -13.61 7.60 15.00
N SER A 353 -14.22 7.52 13.84
CA SER A 353 -13.49 7.45 12.62
C SER A 353 -13.24 8.80 11.98
N GLY A 354 -12.02 8.99 11.52
CA GLY A 354 -11.66 10.24 10.88
C GLY A 354 -11.01 10.05 9.50
N PRO A 355 -11.64 9.39 8.51
CA PRO A 355 -11.11 9.21 7.15
C PRO A 355 -10.61 10.48 6.46
N GLN A 356 -11.43 11.53 6.45
CA GLN A 356 -11.05 12.77 5.81
C GLN A 356 -9.89 13.45 6.47
N GLU A 357 -9.73 13.43 7.81
CA GLU A 357 -8.56 14.11 8.35
C GLU A 357 -7.38 13.19 8.32
N LEU A 358 -7.52 11.85 8.27
CA LEU A 358 -6.37 10.95 8.11
C LEU A 358 -5.74 11.22 6.74
N VAL A 359 -6.54 11.33 5.66
CA VAL A 359 -6.06 11.67 4.31
C VAL A 359 -5.32 13.00 4.30
N GLN A 360 -5.90 14.07 4.88
CA GLN A 360 -5.25 15.37 4.92
C GLN A 360 -3.96 15.32 5.66
N GLN A 361 -3.83 14.49 6.67
CA GLN A 361 -2.59 14.33 7.37
C GLN A 361 -1.56 13.54 6.54
N VAL A 362 -1.91 12.39 5.92
CA VAL A 362 -0.96 11.60 5.14
C VAL A 362 -0.51 12.32 3.86
N LEU A 363 -1.40 12.93 3.07
CA LEU A 363 -0.96 13.60 1.88
C LEU A 363 -0.21 14.86 2.15
N SER A 364 -0.59 15.62 3.19
CA SER A 364 0.16 16.82 3.50
C SER A 364 1.58 16.50 3.95
N GLY A 365 1.76 15.39 4.70
CA GLY A 365 3.06 14.88 5.15
C GLY A 365 4.00 14.56 3.98
N GLY A 366 3.50 13.81 2.98
CA GLY A 366 4.23 13.53 1.75
C GLY A 366 4.60 14.78 0.94
N TRP A 367 3.64 15.62 0.57
CA TRP A 367 3.98 16.86 -0.13
C TRP A 367 4.92 17.78 0.65
N ARG A 368 4.87 17.74 1.98
CA ARG A 368 5.79 18.50 2.84
C ARG A 368 7.23 17.96 2.79
N GLU A 369 7.35 16.62 2.71
CA GLU A 369 8.62 15.96 2.54
C GLU A 369 9.07 15.89 1.09
N ASP A 370 8.25 16.46 0.21
CA ASP A 370 8.48 16.57 -1.22
C ASP A 370 8.64 15.25 -1.96
N ILE A 371 7.67 14.35 -1.70
CA ILE A 371 7.58 13.11 -2.43
C ILE A 371 6.26 13.15 -3.21
N ARG A 372 6.06 12.15 -4.07
CA ARG A 372 4.87 12.07 -4.83
C ARG A 372 3.93 11.18 -4.10
N VAL A 373 2.68 11.64 -4.05
CA VAL A 373 1.61 10.91 -3.39
C VAL A 373 0.56 10.36 -4.37
N ALA A 374 0.26 9.07 -4.36
CA ALA A 374 -0.78 8.51 -5.18
C ALA A 374 -1.76 7.86 -4.23
N GLY A 375 -2.86 7.29 -4.68
CA GLY A 375 -3.82 6.68 -3.78
C GLY A 375 -4.83 5.77 -4.45
N GLU A 376 -5.63 5.05 -3.66
CA GLU A 376 -6.66 4.18 -4.17
C GLU A 376 -7.91 4.34 -3.31
N ASN A 377 -9.05 3.95 -3.82
CA ASN A 377 -10.22 3.87 -2.99
C ASN A 377 -10.06 2.51 -2.34
N ALA A 378 -10.61 2.38 -1.15
CA ALA A 378 -10.49 1.17 -0.37
C ALA A 378 -11.56 0.13 -0.67
N LEU A 379 -12.77 0.61 -0.94
CA LEU A 379 -13.85 -0.30 -1.20
C LEU A 379 -14.51 0.12 -2.48
N PRO A 380 -15.07 -0.85 -3.23
CA PRO A 380 -15.75 -0.58 -4.47
C PRO A 380 -16.88 0.36 -4.27
N ARG A 381 -16.82 1.44 -5.07
CA ARG A 381 -17.88 2.45 -5.09
C ARG A 381 -18.20 2.86 -6.53
N TYR A 382 -19.46 3.11 -6.86
CA TYR A 382 -19.87 3.45 -8.21
C TYR A 382 -20.62 4.76 -8.25
N ASP A 383 -20.80 5.40 -7.10
CA ASP A 383 -21.61 6.61 -6.99
C ASP A 383 -20.84 7.87 -7.09
N ALA A 384 -21.50 8.98 -7.39
CA ALA A 384 -20.80 10.24 -7.57
C ALA A 384 -20.16 10.84 -6.35
N THR A 385 -20.66 10.49 -5.16
CA THR A 385 -20.18 11.14 -3.97
C THR A 385 -18.84 10.55 -3.59
N ALA A 386 -18.64 9.24 -3.83
CA ALA A 386 -17.35 8.65 -3.66
C ALA A 386 -16.42 9.35 -4.65
N TYR A 387 -16.78 9.36 -5.95
CA TYR A 387 -15.96 9.94 -7.00
C TYR A 387 -15.64 11.40 -6.78
N ASN A 388 -16.53 12.18 -6.19
CA ASN A 388 -16.22 13.57 -5.95
C ASN A 388 -15.29 13.75 -4.75
N GLN A 389 -15.23 12.73 -3.87
CA GLN A 389 -14.30 12.79 -2.75
C GLN A 389 -12.88 12.43 -3.23
N ILE A 390 -12.73 11.49 -4.20
CA ILE A 390 -11.46 11.14 -4.81
C ILE A 390 -10.92 12.35 -5.54
N ILE A 391 -11.73 13.07 -6.31
CA ILE A 391 -11.28 14.25 -7.04
C ILE A 391 -10.85 15.41 -6.12
N LEU A 392 -11.49 15.59 -4.96
CA LEU A 392 -11.09 16.65 -4.03
C LEU A 392 -9.71 16.31 -3.46
N ASN A 393 -9.47 15.03 -3.09
CA ASN A 393 -8.18 14.61 -2.58
C ASN A 393 -7.09 14.67 -3.64
N ALA A 394 -7.46 14.44 -4.90
CA ALA A 394 -6.53 14.46 -6.03
C ALA A 394 -5.98 15.84 -6.30
N LYS A 395 -6.79 16.85 -6.03
CA LYS A 395 -6.37 18.22 -6.22
C LYS A 395 -6.97 19.07 -5.08
N PRO A 396 -6.43 19.07 -3.83
CA PRO A 396 -7.06 19.63 -2.63
C PRO A 396 -7.45 21.11 -2.67
N GLN A 397 -6.72 21.89 -3.44
CA GLN A 397 -7.02 23.31 -3.62
C GLN A 397 -7.59 23.70 -5.01
N GLY A 398 -8.26 22.75 -5.67
CA GLY A 398 -8.80 22.98 -7.01
C GLY A 398 -7.77 23.10 -8.14
N VAL A 399 -8.34 23.44 -9.29
CA VAL A 399 -7.66 23.65 -10.55
C VAL A 399 -7.03 25.01 -10.49
N ASN A 400 -5.85 25.11 -11.10
CA ASN A 400 -5.21 26.38 -11.21
C ASN A 400 -5.37 26.70 -12.66
N ASN A 401 -6.21 27.68 -13.01
CA ASN A 401 -6.48 27.98 -14.42
C ASN A 401 -5.23 28.50 -15.13
N ASN A 402 -4.36 29.09 -14.30
CA ASN A 402 -3.12 29.75 -14.69
C ASN A 402 -1.85 28.90 -14.73
N GLY A 403 -1.89 27.64 -14.25
CA GLY A 403 -0.71 26.81 -14.28
C GLY A 403 -0.96 25.44 -13.67
N PRO A 404 0.10 24.82 -13.14
CA PRO A 404 0.01 23.59 -12.37
C PRO A 404 -0.65 23.86 -11.01
N PRO A 405 -1.45 23.00 -10.36
CA PRO A 405 -1.97 23.26 -9.00
C PRO A 405 -0.84 23.30 -7.97
N LYS A 406 -0.91 23.98 -6.81
CA LYS A 406 0.21 23.89 -5.87
C LYS A 406 0.30 22.48 -5.34
N LEU A 407 -0.87 21.86 -5.22
CA LEU A 407 -0.94 20.53 -4.68
C LEU A 407 -1.74 19.65 -5.61
N SER A 408 -1.20 18.51 -6.02
CA SER A 408 -1.92 17.51 -6.80
C SER A 408 -1.33 16.12 -6.57
N MET A 409 -2.15 15.07 -6.62
CA MET A 409 -1.68 13.71 -6.51
C MET A 409 -1.15 13.29 -7.86
N PHE A 410 -0.25 12.32 -7.79
CA PHE A 410 0.51 11.81 -8.94
C PHE A 410 -0.29 10.81 -9.73
N GLY A 411 -1.33 10.21 -9.17
CA GLY A 411 -2.14 9.21 -9.85
C GLY A 411 -3.17 8.67 -8.86
N VAL A 412 -4.22 8.03 -9.36
CA VAL A 412 -5.24 7.41 -8.54
C VAL A 412 -5.57 6.11 -9.25
N THR A 413 -5.54 4.96 -8.54
CA THR A 413 -5.91 3.66 -9.07
C THR A 413 -7.25 3.32 -8.49
N TYR A 414 -8.24 3.15 -9.36
CA TYR A 414 -9.57 2.76 -8.96
C TYR A 414 -9.65 1.25 -8.77
N LEU A 415 -10.23 0.83 -7.63
CA LEU A 415 -10.42 -0.57 -7.28
C LEU A 415 -11.67 -1.13 -7.97
N ARG A 416 -11.06 -2.01 -8.77
CA ARG A 416 -11.49 -2.96 -9.74
C ARG A 416 -12.42 -2.73 -10.90
N LEU A 417 -11.85 -3.43 -11.87
CA LEU A 417 -12.51 -3.66 -13.13
C LEU A 417 -13.41 -4.84 -12.74
N SER A 418 -14.69 -4.66 -13.01
CA SER A 418 -15.73 -5.67 -12.78
C SER A 418 -16.83 -5.44 -13.81
N ASP A 419 -17.73 -6.42 -13.97
CA ASP A 419 -18.88 -6.21 -14.87
C ASP A 419 -19.86 -5.16 -14.41
N ASP A 420 -19.84 -4.92 -13.10
CA ASP A 420 -20.63 -3.88 -12.48
C ASP A 420 -20.21 -2.47 -12.86
N LEU A 421 -18.89 -2.31 -12.98
CA LEU A 421 -18.32 -1.02 -13.34
C LEU A 421 -18.76 -0.69 -14.75
N LEU A 422 -18.67 -1.72 -15.58
CA LEU A 422 -19.01 -1.61 -16.98
C LEU A 422 -20.50 -1.57 -17.26
N GLN A 423 -21.38 -1.85 -16.25
CA GLN A 423 -22.81 -1.72 -16.43
C GLN A 423 -23.08 -0.34 -16.99
N LYS A 424 -24.09 -0.15 -17.86
CA LYS A 424 -24.21 1.09 -18.57
C LYS A 424 -24.31 2.34 -17.73
N SER A 425 -25.10 2.38 -16.66
CA SER A 425 -25.28 3.64 -15.96
C SER A 425 -24.10 3.89 -15.04
N ASN A 426 -23.50 2.82 -14.52
CA ASN A 426 -22.28 2.95 -13.72
C ASN A 426 -21.11 3.45 -14.56
N PHE A 427 -20.91 2.87 -15.75
CA PHE A 427 -19.81 3.26 -16.62
C PHE A 427 -19.96 4.68 -17.12
N ASN A 428 -21.17 5.22 -17.32
CA ASN A 428 -21.30 6.63 -17.68
C ASN A 428 -20.88 7.58 -16.58
N ILE A 429 -21.01 7.17 -15.30
CA ILE A 429 -20.56 8.02 -14.21
C ILE A 429 -19.06 7.84 -14.09
N PHE A 430 -18.48 6.65 -14.27
CA PHE A 430 -17.04 6.51 -14.25
C PHE A 430 -16.42 7.34 -15.35
N LYS A 431 -17.02 7.43 -16.53
CA LYS A 431 -16.47 8.25 -17.60
C LYS A 431 -16.34 9.68 -17.18
N LYS A 432 -17.31 10.21 -16.41
CA LYS A 432 -17.23 11.61 -16.04
C LYS A 432 -16.20 11.82 -14.95
N PHE A 433 -16.00 10.85 -14.03
CA PHE A 433 -14.95 10.92 -13.02
C PHE A 433 -13.66 10.94 -13.76
N VAL A 434 -13.44 10.15 -14.83
CA VAL A 434 -12.17 10.20 -15.56
C VAL A 434 -11.98 11.58 -16.19
N LEU A 435 -13.02 12.14 -16.76
CA LEU A 435 -12.90 13.45 -17.37
C LEU A 435 -12.44 14.54 -16.37
N LYS A 436 -13.06 14.59 -15.20
CA LYS A 436 -12.76 15.58 -14.18
C LYS A 436 -11.39 15.39 -13.57
N MET A 437 -10.90 14.13 -13.49
CA MET A 437 -9.53 13.85 -13.03
C MET A 437 -8.55 14.46 -14.02
N HIS A 438 -8.95 14.40 -15.29
CA HIS A 438 -8.17 14.93 -16.40
C HIS A 438 -8.35 16.43 -16.55
N ALA A 439 -9.11 17.02 -15.62
CA ALA A 439 -9.40 18.45 -15.54
C ALA A 439 -10.14 18.92 -16.75
N ASP A 440 -11.05 18.08 -17.26
CA ASP A 440 -11.81 18.28 -18.50
C ASP A 440 -11.13 18.21 -19.86
N GLN A 441 -9.90 17.70 -19.86
CA GLN A 441 -9.13 17.48 -21.06
C GLN A 441 -9.37 16.06 -21.50
N ASP A 442 -9.34 15.81 -22.79
CA ASP A 442 -9.31 14.45 -23.30
C ASP A 442 -8.08 13.74 -22.79
N TYR A 443 -8.11 12.40 -22.81
CA TYR A 443 -7.00 11.56 -22.46
C TYR A 443 -5.80 11.98 -23.30
N CYS A 444 -4.67 11.92 -22.62
CA CYS A 444 -3.44 12.38 -23.18
C CYS A 444 -2.48 11.23 -23.08
N ALA A 445 -2.20 10.69 -24.24
CA ALA A 445 -1.31 9.55 -24.34
C ALA A 445 0.14 9.78 -23.92
N ASN A 446 0.65 11.03 -24.06
CA ASN A 446 2.04 11.35 -23.73
C ASN A 446 2.17 12.08 -22.40
N PRO A 447 2.68 11.43 -21.36
CA PRO A 447 2.75 11.92 -19.99
C PRO A 447 3.52 13.20 -19.80
N GLN A 448 4.51 13.39 -20.66
CA GLN A 448 5.39 14.55 -20.63
C GLN A 448 4.61 15.82 -20.89
N LYS A 449 3.52 15.73 -21.68
CA LYS A 449 2.67 16.89 -21.89
C LYS A 449 2.06 17.41 -20.58
N TYR A 450 1.78 16.48 -19.67
CA TYR A 450 1.32 16.92 -18.40
C TYR A 450 2.31 16.72 -17.25
N ASN A 451 3.60 16.90 -17.52
CA ASN A 451 4.69 16.90 -16.54
C ASN A 451 4.87 15.69 -15.63
N HIS A 452 4.56 14.57 -16.26
CA HIS A 452 4.71 13.26 -15.67
C HIS A 452 5.77 12.45 -16.42
N ALA A 453 6.81 13.03 -17.00
CA ALA A 453 7.77 12.21 -17.73
C ALA A 453 8.56 11.31 -16.77
N ILE A 454 8.79 10.06 -17.24
CA ILE A 454 9.60 9.16 -16.43
C ILE A 454 10.94 8.95 -17.07
N THR A 455 11.79 9.18 -16.08
CA THR A 455 13.20 9.16 -16.23
C THR A 455 13.71 7.81 -15.79
N PRO A 456 14.90 7.39 -16.23
CA PRO A 456 15.60 6.26 -15.67
C PRO A 456 15.83 6.46 -14.20
N LEU A 457 15.45 5.43 -13.47
CA LEU A 457 15.53 5.38 -12.03
C LEU A 457 16.98 5.51 -11.59
N LYS A 458 17.18 6.54 -10.82
CA LYS A 458 18.46 6.84 -10.24
C LYS A 458 18.68 5.95 -9.04
N PRO A 459 19.93 5.69 -8.68
CA PRO A 459 20.29 5.06 -7.44
C PRO A 459 19.81 5.84 -6.21
N SER A 460 19.47 5.08 -5.20
CA SER A 460 18.99 5.61 -3.94
C SER A 460 19.94 6.57 -3.29
N ALA A 461 19.47 7.72 -2.83
CA ALA A 461 20.28 8.60 -2.04
C ALA A 461 20.80 7.90 -0.77
N PRO A 462 21.80 8.38 0.00
CA PRO A 462 22.29 7.66 1.18
C PRO A 462 21.28 7.39 2.28
N LYS A 463 21.60 6.36 3.07
CA LYS A 463 20.79 6.00 4.22
C LYS A 463 20.54 7.20 5.11
N ILE A 464 19.28 7.39 5.49
CA ILE A 464 18.94 8.42 6.45
C ILE A 464 18.92 7.68 7.81
N PRO A 465 19.73 8.06 8.82
CA PRO A 465 19.78 7.40 10.12
C PRO A 465 18.41 7.45 10.81
N ILE A 466 17.98 6.48 11.64
CA ILE A 466 16.64 6.57 12.19
C ILE A 466 16.36 7.79 13.06
N GLU A 467 17.38 8.47 13.58
CA GLU A 467 17.13 9.67 14.35
C GLU A 467 16.77 10.83 13.47
N VAL A 468 17.19 10.87 12.20
CA VAL A 468 16.78 11.94 11.32
C VAL A 468 15.41 11.59 10.77
N LEU A 469 15.05 10.32 10.68
CA LEU A 469 13.77 9.89 10.18
C LEU A 469 12.70 10.28 11.17
N LEU A 470 12.92 9.93 12.43
CA LEU A 470 12.00 10.24 13.52
C LEU A 470 11.88 11.72 13.89
N GLU A 471 12.68 12.62 13.30
CA GLU A 471 12.48 14.07 13.41
C GLU A 471 11.21 14.52 12.71
N ALA A 472 10.79 13.68 11.74
CA ALA A 472 9.59 13.88 10.97
C ALA A 472 8.30 13.53 11.72
N THR A 473 8.47 13.12 13.00
CA THR A 473 7.37 12.90 13.92
C THR A 473 6.86 14.21 14.49
N LYS A 474 7.54 15.32 14.27
CA LYS A 474 7.09 16.63 14.72
C LYS A 474 5.76 16.95 14.03
N PRO A 475 4.62 17.17 14.72
CA PRO A 475 3.34 17.44 14.09
C PRO A 475 3.33 18.79 13.47
N THR A 476 2.72 18.79 12.28
CA THR A 476 2.61 19.97 11.41
C THR A 476 1.18 20.19 11.04
N LEU A 477 0.85 21.40 10.62
CA LEU A 477 -0.52 21.61 10.23
C LEU A 477 -0.70 21.15 8.78
N PRO A 478 -1.80 20.48 8.44
CA PRO A 478 -2.09 20.03 7.10
C PRO A 478 -2.28 21.20 6.13
N PHE A 479 -2.09 20.99 4.82
CA PHE A 479 -2.42 22.06 3.89
C PHE A 479 -3.94 22.10 3.88
N PRO A 480 -4.52 23.26 3.55
CA PRO A 480 -5.95 23.44 3.48
C PRO A 480 -6.62 22.76 2.32
N TRP A 481 -7.73 22.11 2.66
CA TRP A 481 -8.56 21.51 1.66
C TRP A 481 -9.74 22.43 1.36
N LEU A 482 -10.14 22.38 0.09
CA LEU A 482 -11.33 23.06 -0.40
C LEU A 482 -12.44 22.22 0.23
N PRO A 483 -13.60 22.74 0.62
CA PRO A 483 -14.66 21.92 1.26
C PRO A 483 -15.34 20.87 0.39
N GLU A 484 -15.09 21.10 -0.91
CA GLU A 484 -15.74 20.44 -2.00
C GLU A 484 -14.96 20.80 -3.27
N THR A 485 -14.87 19.85 -4.21
CA THR A 485 -14.20 20.02 -5.50
C THR A 485 -14.87 21.07 -6.35
N ASP A 486 -13.95 21.73 -7.02
CA ASP A 486 -14.41 22.63 -8.03
C ASP A 486 -14.60 21.89 -9.37
N MET A 487 -14.40 20.56 -9.47
CA MET A 487 -14.59 19.75 -10.69
C MET A 487 -15.42 18.54 -10.33
N LYS A 488 -16.71 18.76 -10.06
CA LYS A 488 -17.62 17.71 -9.70
C LYS A 488 -18.13 16.85 -10.85
N VAL A 489 -18.15 15.57 -10.60
CA VAL A 489 -18.77 14.61 -11.47
C VAL A 489 -20.24 14.90 -11.67
N ASP A 490 -20.83 15.60 -10.71
CA ASP A 490 -22.23 16.01 -10.68
C ASP A 490 -23.17 14.85 -10.58
N GLY A 491 -23.53 14.75 -9.28
CA GLY A 491 -24.43 13.75 -8.73
C GLY A 491 -25.39 13.02 -9.69
C1 GLC B . -14.72 -7.05 -0.67
C2 GLC B . -15.63 -6.47 -1.76
C3 GLC B . -16.57 -5.46 -1.08
C4 GLC B . -17.28 -6.08 0.12
C5 GLC B . -16.32 -6.65 1.14
C6 GLC B . -17.02 -7.37 2.32
O2 GLC B . -14.83 -5.84 -2.77
O3 GLC B . -17.57 -5.00 -1.98
O4 GLC B . -18.00 -5.03 0.75
O5 GLC B . -15.48 -7.57 0.43
O6 GLC B . -18.10 -8.14 1.86
C1 GLC B . -19.42 -5.03 0.70
C2 GLC B . -19.85 -3.63 0.33
C3 GLC B . -19.29 -2.66 1.36
C4 GLC B . -19.82 -3.10 2.74
C5 GLC B . -19.48 -4.55 3.05
C6 GLC B . -20.17 -5.09 4.29
O2 GLC B . -19.38 -3.30 -0.95
O3 GLC B . -19.63 -1.30 1.07
O4 GLC B . -19.14 -2.27 3.67
O5 GLC B . -19.88 -5.40 1.98
O6 GLC B . -20.05 -6.51 4.31
C1 GLC B . -19.82 -1.78 4.82
C2 GLC B . -19.52 -0.30 4.91
C3 GLC B . -18.03 -0.08 5.03
C4 GLC B . -17.49 -0.84 6.19
C5 GLC B . -17.90 -2.34 6.20
C6 GLC B . -17.62 -3.11 7.52
O2 GLC B . -20.01 0.33 3.74
O3 GLC B . -17.70 1.29 5.17
O4 GLC B . -16.08 -0.70 6.01
O5 GLC B . -19.32 -2.46 5.96
O6 GLC B . -18.08 -4.44 7.43
C1 GLC B . -15.25 -0.61 7.14
C2 GLC B . -14.22 0.52 6.96
C3 GLC B . -13.22 0.13 5.89
C4 GLC B . -12.65 -1.23 6.24
C5 GLC B . -13.75 -2.29 6.36
C6 GLC B . -13.26 -3.67 6.78
O2 GLC B . -14.90 1.71 6.60
O3 GLC B . -12.16 1.07 5.77
O4 GLC B . -11.80 -1.51 5.14
O5 GLC B . -14.68 -1.88 7.32
O6 GLC B . -14.39 -4.47 7.08
C1 GLC B . -10.42 -1.79 5.36
C2 GLC B . -9.67 -1.20 4.19
C3 GLC B . -10.18 -1.86 2.91
C4 GLC B . -10.03 -3.39 3.02
C5 GLC B . -10.71 -3.93 4.28
C6 GLC B . -10.49 -5.41 4.60
O2 GLC B . -9.84 0.22 4.14
O3 GLC B . -9.46 -1.37 1.78
O4 GLC B . -10.71 -3.93 1.87
O5 GLC B . -10.26 -3.21 5.44
O6 GLC B . -9.11 -5.73 4.60
C1 GLC B . -10.12 -4.99 1.11
C2 GLC B . -10.40 -4.73 -0.35
C3 GLC B . -11.89 -4.84 -0.65
C4 GLC B . -12.46 -6.14 -0.07
C5 GLC B . -12.08 -6.34 1.41
C6 GLC B . -12.50 -7.69 2.05
O2 GLC B . -9.96 -3.40 -0.62
O3 GLC B . -12.18 -4.78 -2.04
O4 GLC B . -13.88 -5.97 -0.18
O5 GLC B . -10.66 -6.22 1.53
O6 GLC B . -12.00 -8.78 1.30
S SO4 C . 10.27 20.48 8.89
O1 SO4 C . 9.82 19.33 9.60
O2 SO4 C . 11.03 20.12 7.70
O3 SO4 C . 11.14 21.23 9.76
O4 SO4 C . 9.20 21.31 8.41
C1 BME D . -5.20 -8.64 -1.53
C2 BME D . -6.06 -9.35 -2.61
O1 BME D . -4.90 -7.27 -1.87
S2 BME D . -6.66 -11.05 -2.26
C1 BME E . 17.10 -0.38 -18.24
C2 BME E . 15.70 -0.77 -18.65
O1 BME E . 17.99 -1.49 -18.17
S2 BME E . 14.86 -1.89 -17.53
C1 BME F . -10.31 8.20 3.23
C2 BME F . -9.10 7.72 4.00
O1 BME F . -10.71 7.18 2.33
S2 BME F . -9.46 6.07 4.58
C1 BME G . -5.13 15.80 -24.68
C2 BME G . -3.71 16.33 -24.89
O1 BME G . -5.92 16.67 -23.85
S2 BME G . -2.57 14.95 -25.11
#